data_4I4F
#
_entry.id   4I4F
#
_cell.length_a   73.087
_cell.length_b   47.484
_cell.length_c   83.289
_cell.angle_alpha   90.00
_cell.angle_beta   112.35
_cell.angle_gamma   90.00
#
_symmetry.space_group_name_H-M   'C 1 2 1'
#
loop_
_entity.id
_entity.type
_entity.pdbx_description
1 polymer 'Focal adhesion kinase 1'
2 non-polymer 'ISOPROPYL ALCOHOL'
3 non-polymer 'N-(4-tert-butylbenzyl)-1,5-dimethyl-1,5-dihydropyrazolo[4,3-c][2,1]benzothiazin-8-amine 4,4-dioxide'
4 water water
#
_entity_poly.entity_id   1
_entity_poly.type   'polypeptide(L)'
_entity_poly.pdbx_seq_one_letter_code
;GAMGSSTRDYEIQRERIELGRCIGEGQFGDVHQGIYMSPENPALAVAIKTCKNCTSDSVREKFLQEALTMRQFDHPHIVK
LIGVITENPVWIIMELCTLGELRSFLQVRKYSLDLASLILYAYQLSTALAYLESKRFVHRDIAARNVLVSSNDCVKLGDF
GLSRYMEDSTYYKASKGKLPIKWMAPESINFRRFTSASDVWMFGVCMWEILMHGVKPFQGVKNNDVIGRIENGERLPMPP
NCPPTLYSLMTKCWAYDPSRRPRFTELKAQLSTILEEEKAQ
;
_entity_poly.pdbx_strand_id   A
#
loop_
_chem_comp.id
_chem_comp.type
_chem_comp.name
_chem_comp.formula
1BR non-polymer 'N-(4-tert-butylbenzyl)-1,5-dimethyl-1,5-dihydropyrazolo[4,3-c][2,1]benzothiazin-8-amine 4,4-dioxide' 'C22 H26 N4 O2 S'
IPA non-polymer 'ISOPROPYL ALCOHOL' 'C3 H8 O'
#
# COMPACT_ATOMS: atom_id res chain seq x y z
N TYR A 10 -9.57 10.71 -19.68
CA TYR A 10 -8.10 10.73 -19.99
C TYR A 10 -7.69 9.50 -20.80
N GLU A 11 -8.33 9.42 -21.96
CA GLU A 11 -8.15 8.34 -22.91
C GLU A 11 -6.85 8.61 -23.67
N ILE A 12 -5.94 7.64 -23.65
CA ILE A 12 -4.67 7.79 -24.35
C ILE A 12 -4.70 7.05 -25.68
N GLN A 13 -4.12 7.64 -26.72
CA GLN A 13 -3.99 6.94 -28.01
C GLN A 13 -2.96 5.85 -27.87
N ARG A 14 -3.30 4.65 -28.35
CA ARG A 14 -2.45 3.51 -28.12
C ARG A 14 -1.07 3.62 -28.74
N GLU A 15 -0.95 4.32 -29.87
CA GLU A 15 0.34 4.41 -30.54
C GLU A 15 1.32 5.28 -29.75
N ARG A 16 0.82 5.99 -28.74
CA ARG A 16 1.68 6.74 -27.82
C ARG A 16 2.32 5.85 -26.74
N ILE A 17 1.88 4.60 -26.67
CA ILE A 17 2.37 3.66 -25.66
C ILE A 17 3.14 2.55 -26.34
N GLU A 18 4.36 2.35 -25.87
CA GLU A 18 5.17 1.22 -26.28
C GLU A 18 5.17 0.25 -25.09
N LEU A 19 4.50 -0.88 -25.27
CA LEU A 19 4.40 -1.90 -24.22
C LEU A 19 5.72 -2.66 -24.09
N GLY A 20 6.29 -2.62 -22.89
CA GLY A 20 7.51 -3.35 -22.59
C GLY A 20 7.27 -4.62 -21.79
N ARG A 21 8.29 -5.05 -21.06
CA ARG A 21 8.25 -6.33 -20.38
C ARG A 21 7.27 -6.36 -19.19
N CYS A 22 6.73 -7.55 -18.93
CA CYS A 22 6.00 -7.85 -17.68
C CYS A 22 6.88 -7.57 -16.43
N ILE A 23 6.38 -6.74 -15.53
CA ILE A 23 7.10 -6.37 -14.29
C ILE A 23 6.34 -6.72 -12.99
N GLY A 24 5.12 -7.24 -13.10
CA GLY A 24 4.34 -7.61 -11.93
C GLY A 24 2.92 -8.01 -12.27
N GLU A 25 2.02 -7.87 -11.29
CA GLU A 25 0.64 -8.32 -11.47
C GLU A 25 -0.32 -7.59 -10.54
N GLY A 26 -1.55 -7.42 -11.00
CA GLY A 26 -2.63 -6.85 -10.19
C GLY A 26 -3.77 -7.84 -10.18
N GLN A 27 -4.92 -7.46 -9.63
CA GLN A 27 -6.03 -8.38 -9.47
C GLN A 27 -6.59 -8.90 -10.79
N PHE A 28 -6.39 -8.13 -11.87
CA PHE A 28 -6.98 -8.44 -13.17
C PHE A 28 -6.02 -8.92 -14.24
N GLY A 29 -4.72 -8.91 -13.98
CA GLY A 29 -3.74 -9.39 -14.96
C GLY A 29 -2.37 -8.77 -14.79
N ASP A 30 -1.51 -9.02 -15.78
CA ASP A 30 -0.12 -8.58 -15.71
C ASP A 30 0.03 -7.07 -15.76
N VAL A 31 1.06 -6.60 -15.05
CA VAL A 31 1.50 -5.23 -15.11
C VAL A 31 2.82 -5.23 -15.91
N HIS A 32 2.90 -4.30 -16.87
CA HIS A 32 4.06 -4.16 -17.75
C HIS A 32 4.70 -2.82 -17.54
N GLN A 33 6.00 -2.78 -17.85
CA GLN A 33 6.70 -1.55 -18.03
C GLN A 33 6.39 -1.10 -19.45
N GLY A 34 6.44 0.20 -19.67
CA GLY A 34 6.30 0.71 -21.02
C GLY A 34 6.80 2.12 -21.13
N ILE A 35 6.64 2.69 -22.31
CA ILE A 35 7.03 4.07 -22.54
C ILE A 35 5.86 4.83 -23.13
N TYR A 36 5.66 6.04 -22.63
CA TYR A 36 4.55 6.90 -23.03
C TYR A 36 5.10 8.17 -23.65
N MET A 37 4.84 8.36 -24.94
CA MET A 37 5.30 9.56 -25.65
C MET A 37 4.17 10.57 -25.70
N SER A 38 4.36 11.71 -25.04
CA SER A 38 3.41 12.83 -25.11
C SER A 38 4.13 14.14 -25.40
N PRO A 42 8.90 13.93 -24.05
CA PRO A 42 8.48 12.58 -24.37
C PRO A 42 9.13 11.54 -23.46
N ALA A 43 9.33 10.34 -24.00
CA ALA A 43 9.95 9.23 -23.30
C ALA A 43 9.65 9.14 -21.78
N LEU A 44 8.37 9.11 -21.40
CA LEU A 44 8.02 8.86 -19.96
C LEU A 44 7.91 7.35 -19.72
N ALA A 45 8.73 6.83 -18.82
CA ALA A 45 8.59 5.46 -18.38
C ALA A 45 7.31 5.38 -17.53
N VAL A 46 6.48 4.38 -17.80
CA VAL A 46 5.19 4.20 -17.12
C VAL A 46 5.00 2.73 -16.81
N ALA A 47 3.98 2.43 -16.01
CA ALA A 47 3.51 1.06 -15.79
C ALA A 47 2.13 0.96 -16.39
N ILE A 48 1.81 -0.23 -16.87
CA ILE A 48 0.60 -0.42 -17.62
C ILE A 48 -0.08 -1.66 -17.07
N LYS A 49 -1.27 -1.48 -16.52
CA LYS A 49 -2.06 -2.60 -16.06
C LYS A 49 -2.79 -3.14 -17.26
N THR A 50 -2.77 -4.46 -17.41
CA THR A 50 -3.57 -5.12 -18.43
C THR A 50 -4.64 -5.94 -17.73
N CYS A 51 -5.56 -6.46 -18.53
CA CYS A 51 -6.71 -7.17 -17.99
C CYS A 51 -6.99 -8.42 -18.79
N LYS A 52 -6.74 -9.57 -18.17
CA LYS A 52 -6.96 -10.88 -18.81
C LYS A 52 -8.32 -11.02 -19.48
N ASN A 53 -9.38 -10.69 -18.74
CA ASN A 53 -10.75 -10.98 -19.19
C ASN A 53 -11.62 -9.76 -19.52
N CYS A 54 -11.00 -8.65 -19.94
CA CYS A 54 -11.74 -7.41 -20.21
C CYS A 54 -12.51 -7.37 -21.54
N THR A 55 -12.54 -8.50 -22.25
CA THR A 55 -13.54 -8.73 -23.30
C THR A 55 -14.97 -8.79 -22.73
N SER A 56 -15.08 -9.24 -21.47
CA SER A 56 -16.35 -9.20 -20.72
C SER A 56 -16.53 -7.83 -20.07
N ASP A 57 -17.68 -7.20 -20.32
CA ASP A 57 -17.92 -5.85 -19.81
C ASP A 57 -18.08 -5.82 -18.29
N SER A 58 -18.57 -6.92 -17.72
CA SER A 58 -18.66 -7.06 -16.25
C SER A 58 -17.27 -6.94 -15.60
N VAL A 59 -16.28 -7.59 -16.22
CA VAL A 59 -14.88 -7.52 -15.78
C VAL A 59 -14.31 -6.13 -16.09
N ARG A 60 -14.58 -5.67 -17.31
CA ARG A 60 -14.12 -4.36 -17.77
C ARG A 60 -14.60 -3.22 -16.89
N GLU A 61 -15.87 -3.28 -16.47
CA GLU A 61 -16.44 -2.28 -15.57
C GLU A 61 -15.74 -2.26 -14.23
N LYS A 62 -15.44 -3.42 -13.66
CA LYS A 62 -14.70 -3.49 -12.39
C LYS A 62 -13.23 -3.11 -12.52
N PHE A 63 -12.61 -3.50 -13.63
CA PHE A 63 -11.17 -3.20 -13.87
C PHE A 63 -10.93 -1.70 -13.88
N LEU A 64 -11.82 -0.99 -14.53
CA LEU A 64 -11.68 0.44 -14.77
C LEU A 64 -12.22 1.34 -13.65
N GLN A 65 -12.95 0.76 -12.70
CA GLN A 65 -13.77 1.56 -11.81
C GLN A 65 -12.94 2.54 -11.01
N GLU A 66 -11.93 2.05 -10.32
CA GLU A 66 -11.10 2.94 -9.46
C GLU A 66 -10.23 3.89 -10.25
N ALA A 67 -9.78 3.46 -11.43
CA ALA A 67 -9.08 4.38 -12.34
C ALA A 67 -9.94 5.61 -12.63
N LEU A 68 -11.26 5.42 -12.70
CA LEU A 68 -12.15 6.55 -12.95
C LEU A 68 -12.37 7.34 -11.65
N THR A 69 -12.64 6.61 -10.57
CA THR A 69 -12.86 7.19 -9.24
C THR A 69 -11.67 7.97 -8.72
N MET A 70 -10.46 7.48 -9.02
CA MET A 70 -9.23 8.07 -8.52
C MET A 70 -8.52 8.99 -9.52
N ARG A 71 -9.13 9.20 -10.68
CA ARG A 71 -8.55 9.96 -11.78
C ARG A 71 -7.92 11.30 -11.36
N GLN A 72 -8.61 12.05 -10.52
CA GLN A 72 -8.14 13.41 -10.16
C GLN A 72 -7.29 13.41 -8.88
N PHE A 73 -7.02 12.23 -8.33
CA PHE A 73 -6.14 12.12 -7.17
C PHE A 73 -4.72 12.49 -7.56
N ASP A 74 -4.04 13.17 -6.64
CA ASP A 74 -2.73 13.69 -6.86
C ASP A 74 -2.11 13.83 -5.47
N HIS A 75 -1.29 12.85 -5.13
CA HIS A 75 -0.59 12.83 -3.86
C HIS A 75 0.79 12.26 -4.12
N PRO A 76 1.82 12.86 -3.50
CA PRO A 76 3.18 12.37 -3.74
C PRO A 76 3.43 10.93 -3.35
N HIS A 77 2.59 10.37 -2.45
CA HIS A 77 2.78 9.03 -1.94
C HIS A 77 1.65 8.08 -2.32
N ILE A 78 1.03 8.40 -3.45
CA ILE A 78 0.07 7.51 -4.07
C ILE A 78 0.41 7.43 -5.55
N VAL A 79 0.49 6.21 -6.09
CA VAL A 79 0.79 6.01 -7.52
C VAL A 79 -0.20 6.81 -8.33
N LYS A 80 0.29 7.66 -9.23
CA LYS A 80 -0.58 8.52 -10.04
C LYS A 80 -1.10 7.83 -11.31
N LEU A 81 -2.39 7.96 -11.55
CA LEU A 81 -3.00 7.44 -12.78
C LEU A 81 -2.75 8.47 -13.89
N ILE A 82 -2.29 8.00 -15.03
CA ILE A 82 -1.97 8.86 -16.16
C ILE A 82 -3.12 8.84 -17.16
N GLY A 83 -3.68 7.67 -17.43
CA GLY A 83 -4.71 7.56 -18.44
C GLY A 83 -5.19 6.15 -18.60
N VAL A 84 -6.18 5.99 -19.46
CA VAL A 84 -6.79 4.70 -19.76
C VAL A 84 -6.93 4.53 -21.26
N ILE A 85 -6.95 3.27 -21.70
CA ILE A 85 -7.30 2.90 -23.04
C ILE A 85 -8.47 1.93 -22.90
N THR A 86 -9.66 2.33 -23.33
CA THR A 86 -10.88 1.57 -23.07
C THR A 86 -11.39 0.75 -24.28
N GLU A 87 -10.57 0.65 -25.33
CA GLU A 87 -10.76 -0.31 -26.43
C GLU A 87 -9.91 -1.53 -26.11
N ASN A 88 -10.38 -2.73 -26.44
CA ASN A 88 -9.56 -3.93 -26.23
C ASN A 88 -8.24 -3.83 -27.00
N PRO A 89 -7.12 -4.26 -26.39
CA PRO A 89 -6.96 -4.66 -24.99
C PRO A 89 -6.99 -3.43 -24.10
N VAL A 90 -7.86 -3.49 -23.09
CA VAL A 90 -8.05 -2.39 -22.17
C VAL A 90 -6.83 -2.26 -21.28
N TRP A 91 -6.30 -1.03 -21.15
CA TRP A 91 -5.12 -0.77 -20.35
C TRP A 91 -5.32 0.41 -19.43
N ILE A 92 -4.71 0.33 -18.25
CA ILE A 92 -4.57 1.51 -17.38
C ILE A 92 -3.09 1.92 -17.33
N ILE A 93 -2.85 3.21 -17.54
CA ILE A 93 -1.51 3.77 -17.60
C ILE A 93 -1.27 4.53 -16.33
N MET A 94 -0.17 4.21 -15.67
CA MET A 94 0.15 4.86 -14.44
C MET A 94 1.64 5.08 -14.29
N GLU A 95 1.99 5.85 -13.26
CA GLU A 95 3.38 6.12 -13.05
C GLU A 95 4.12 4.82 -12.72
N LEU A 96 5.40 4.80 -13.08
CA LEU A 96 6.27 3.68 -12.81
C LEU A 96 7.09 3.91 -11.55
N CYS A 97 7.00 2.97 -10.61
CA CYS A 97 7.84 2.98 -9.41
C CYS A 97 9.04 2.12 -9.70
N THR A 98 10.12 2.76 -10.15
CA THR A 98 11.26 2.05 -10.76
C THR A 98 11.99 1.11 -9.78
N LEU A 99 11.86 1.34 -8.48
CA LEU A 99 12.55 0.53 -7.48
C LEU A 99 11.75 -0.64 -6.93
N GLY A 100 10.56 -0.90 -7.48
CA GLY A 100 9.81 -2.11 -7.15
C GLY A 100 8.96 -2.04 -5.87
N GLU A 101 8.65 -3.20 -5.32
CA GLU A 101 7.84 -3.35 -4.08
C GLU A 101 8.66 -2.98 -2.87
N LEU A 102 8.03 -2.32 -1.91
CA LEU A 102 8.73 -1.95 -0.68
C LEU A 102 9.22 -3.20 0.10
N ARG A 103 8.46 -4.30 0.10
CA ARG A 103 8.87 -5.43 0.95
C ARG A 103 10.26 -5.92 0.53
N SER A 104 10.42 -6.20 -0.78
CA SER A 104 11.70 -6.69 -1.29
C SER A 104 12.80 -5.61 -1.23
N PHE A 105 12.45 -4.35 -1.43
CA PHE A 105 13.39 -3.25 -1.28
C PHE A 105 14.01 -3.27 0.12
N LEU A 106 13.17 -3.41 1.14
CA LEU A 106 13.63 -3.46 2.53
C LEU A 106 14.47 -4.71 2.81
N GLN A 107 14.12 -5.82 2.19
CA GLN A 107 14.85 -7.06 2.42
C GLN A 107 16.27 -6.97 1.87
N VAL A 108 16.39 -6.51 0.63
CA VAL A 108 17.69 -6.41 -0.06
C VAL A 108 18.55 -5.29 0.52
N ARG A 109 17.90 -4.33 1.18
CA ARG A 109 18.60 -3.23 1.87
C ARG A 109 18.54 -3.33 3.39
N LYS A 110 18.47 -4.55 3.92
CA LYS A 110 18.31 -4.77 5.36
C LYS A 110 19.39 -4.09 6.21
N TYR A 111 20.63 -4.14 5.72
CA TYR A 111 21.77 -3.60 6.47
C TYR A 111 22.26 -2.28 5.91
N SER A 112 21.51 -1.69 4.98
CA SER A 112 21.93 -0.46 4.29
C SER A 112 20.91 0.69 4.30
N LEU A 113 19.75 0.50 4.93
CA LEU A 113 18.77 1.57 5.12
C LEU A 113 18.81 1.99 6.58
N ASP A 114 18.96 3.29 6.81
CA ASP A 114 18.96 3.82 8.17
C ASP A 114 17.55 3.77 8.73
N LEU A 115 17.47 3.72 10.05
CA LEU A 115 16.19 3.74 10.74
C LEU A 115 15.39 4.98 10.34
N ALA A 116 16.05 6.13 10.21
CA ALA A 116 15.38 7.36 9.74
C ALA A 116 14.62 7.18 8.40
N SER A 117 15.19 6.42 7.47
CA SER A 117 14.49 6.07 6.21
C SER A 117 13.23 5.23 6.46
N LEU A 118 13.31 4.26 7.37
CA LEU A 118 12.17 3.39 7.67
C LEU A 118 11.05 4.22 8.24
N ILE A 119 11.38 5.16 9.11
CA ILE A 119 10.36 5.99 9.74
C ILE A 119 9.77 6.99 8.72
N LEU A 120 10.61 7.48 7.83
CA LEU A 120 10.19 8.34 6.72
C LEU A 120 9.11 7.67 5.88
N TYR A 121 9.32 6.41 5.58
CA TYR A 121 8.37 5.69 4.76
C TYR A 121 7.00 5.58 5.46
N ALA A 122 7.01 5.33 6.76
CA ALA A 122 5.82 5.20 7.53
C ALA A 122 5.11 6.52 7.53
N TYR A 123 5.86 7.57 7.73
CA TYR A 123 5.30 8.89 7.73
C TYR A 123 4.66 9.20 6.37
N GLN A 124 5.41 8.97 5.31
CA GLN A 124 4.89 9.25 3.96
C GLN A 124 3.55 8.54 3.69
N LEU A 125 3.51 7.27 4.03
CA LEU A 125 2.32 6.47 3.88
C LEU A 125 1.14 7.04 4.70
N SER A 126 1.39 7.45 5.94
CA SER A 126 0.34 8.05 6.76
C SER A 126 -0.27 9.27 6.07
N THR A 127 0.57 10.06 5.38
CA THR A 127 0.09 11.27 4.69
C THR A 127 -0.83 10.87 3.56
N ALA A 128 -0.48 9.80 2.87
CA ALA A 128 -1.28 9.30 1.76
C ALA A 128 -2.63 8.76 2.26
N LEU A 129 -2.60 8.07 3.40
CA LEU A 129 -3.82 7.46 3.93
C LEU A 129 -4.75 8.56 4.44
N ALA A 130 -4.20 9.59 5.10
CA ALA A 130 -5.02 10.76 5.51
C ALA A 130 -5.67 11.45 4.33
N TYR A 131 -4.94 11.55 3.22
CA TYR A 131 -5.45 12.21 2.01
C TYR A 131 -6.60 11.40 1.44
N LEU A 132 -6.44 10.07 1.33
CA LEU A 132 -7.50 9.26 0.78
C LEU A 132 -8.74 9.39 1.62
N GLU A 133 -8.58 9.41 2.93
CA GLU A 133 -9.71 9.53 3.84
C GLU A 133 -10.39 10.89 3.65
N SER A 134 -9.57 11.89 3.34
CA SER A 134 -10.08 13.24 3.05
C SER A 134 -10.86 13.31 1.73
N LYS A 135 -10.67 12.33 0.84
CA LYS A 135 -11.42 12.27 -0.41
C LYS A 135 -12.59 11.32 -0.28
N ARG A 136 -12.81 10.82 0.94
CA ARG A 136 -13.81 9.82 1.29
C ARG A 136 -13.69 8.57 0.44
N PHE A 137 -12.45 8.23 0.12
CA PHE A 137 -12.15 7.03 -0.66
C PHE A 137 -12.11 5.85 0.28
N VAL A 138 -12.84 4.80 -0.06
CA VAL A 138 -12.85 3.57 0.70
C VAL A 138 -12.28 2.52 -0.24
N HIS A 139 -11.18 1.91 0.18
CA HIS A 139 -10.52 0.90 -0.64
C HIS A 139 -10.93 -0.48 -0.17
N ARG A 140 -11.71 -1.15 -1.02
CA ARG A 140 -12.37 -2.37 -0.57
C ARG A 140 -11.59 -3.62 -0.87
N ASP A 141 -10.77 -3.63 -1.93
CA ASP A 141 -9.99 -4.83 -2.27
C ASP A 141 -8.73 -4.89 -1.45
N ILE A 142 -8.89 -5.23 -0.18
CA ILE A 142 -7.77 -5.16 0.78
C ILE A 142 -6.62 -6.13 0.46
N ALA A 143 -6.92 -7.25 -0.18
CA ALA A 143 -5.88 -8.21 -0.58
C ALA A 143 -4.87 -7.61 -1.59
N ALA A 144 -5.30 -6.60 -2.33
CA ALA A 144 -4.54 -5.96 -3.40
C ALA A 144 -3.58 -4.88 -2.88
N ARG A 145 -3.72 -4.50 -1.60
CA ARG A 145 -2.98 -3.35 -1.06
C ARG A 145 -1.49 -3.63 -1.07
N ASN A 146 -0.73 -2.66 -1.55
CA ASN A 146 0.71 -2.79 -1.66
C ASN A 146 1.40 -1.43 -1.62
N VAL A 147 2.68 -1.44 -1.33
CA VAL A 147 3.47 -0.24 -1.28
C VAL A 147 4.64 -0.42 -2.25
N LEU A 148 4.80 0.58 -3.09
CA LEU A 148 5.85 0.59 -4.09
C LEU A 148 6.87 1.69 -3.79
N VAL A 149 8.06 1.55 -4.39
CA VAL A 149 9.19 2.43 -4.15
C VAL A 149 9.52 3.18 -5.45
N SER A 150 9.37 4.50 -5.42
CA SER A 150 9.61 5.32 -6.59
C SER A 150 11.02 5.93 -6.53
N SER A 151 11.55 6.11 -5.31
CA SER A 151 12.96 6.48 -5.11
C SER A 151 13.41 6.09 -3.70
N ASN A 152 14.70 6.22 -3.43
CA ASN A 152 15.25 5.98 -2.09
C ASN A 152 14.53 6.71 -0.96
N ASP A 153 13.93 7.87 -1.27
CA ASP A 153 13.25 8.67 -0.26
C ASP A 153 11.76 8.85 -0.59
N CYS A 154 11.18 7.93 -1.35
CA CYS A 154 9.77 8.07 -1.69
C CYS A 154 9.10 6.74 -1.98
N VAL A 155 8.08 6.44 -1.17
CA VAL A 155 7.23 5.26 -1.32
C VAL A 155 5.85 5.74 -1.71
N LYS A 156 5.09 4.84 -2.33
CA LYS A 156 3.76 5.16 -2.81
C LYS A 156 2.77 4.00 -2.62
N LEU A 157 1.54 4.34 -2.24
CA LEU A 157 0.46 3.38 -2.19
C LEU A 157 0.07 2.89 -3.60
N GLY A 158 -0.03 1.57 -3.77
CA GLY A 158 -0.58 0.98 -4.97
C GLY A 158 -1.51 -0.19 -4.69
N ASP A 159 -2.02 -0.81 -5.75
CA ASP A 159 -2.88 -1.97 -5.62
C ASP A 159 -2.45 -3.10 -6.55
N PHE A 160 -1.16 -3.15 -6.81
CA PHE A 160 -0.57 -4.17 -7.67
C PHE A 160 0.82 -4.47 -7.13
N GLY A 161 1.34 -5.61 -7.58
CA GLY A 161 2.68 -6.05 -7.24
C GLY A 161 3.69 -5.80 -8.34
N LEU A 162 4.95 -5.73 -7.93
CA LEU A 162 6.09 -5.60 -8.81
C LEU A 162 7.14 -6.67 -8.42
N SER A 163 7.45 -7.55 -9.37
CA SER A 163 8.54 -8.56 -9.31
C SER A 163 7.94 -9.96 -9.39
N LYS A 178 -7.06 -14.13 -1.84
CA LYS A 178 -7.57 -14.52 -0.50
C LYS A 178 -7.45 -13.32 0.45
N LEU A 179 -8.21 -13.31 1.53
CA LEU A 179 -8.19 -12.19 2.48
C LEU A 179 -6.89 -12.16 3.29
N PRO A 180 -6.33 -10.97 3.53
CA PRO A 180 -5.10 -10.90 4.29
C PRO A 180 -5.39 -10.94 5.79
N ILE A 181 -5.82 -12.09 6.29
CA ILE A 181 -6.23 -12.27 7.71
C ILE A 181 -5.19 -11.74 8.71
N LYS A 182 -3.91 -12.02 8.46
CA LYS A 182 -2.83 -11.64 9.38
C LYS A 182 -2.62 -10.13 9.48
N TRP A 183 -3.21 -9.38 8.57
CA TRP A 183 -3.13 -7.92 8.56
C TRP A 183 -4.42 -7.25 9.05
N MET A 184 -5.50 -8.00 9.19
CA MET A 184 -6.86 -7.46 9.37
C MET A 184 -7.25 -7.21 10.83
N ALA A 185 -7.99 -6.13 11.08
CA ALA A 185 -8.62 -5.85 12.36
C ALA A 185 -9.56 -6.96 12.85
N PRO A 186 -9.67 -7.15 14.17
CA PRO A 186 -10.54 -8.19 14.72
C PRO A 186 -11.98 -8.08 14.25
N GLU A 187 -12.49 -6.86 14.12
CA GLU A 187 -13.86 -6.70 13.62
C GLU A 187 -14.05 -7.09 12.16
N SER A 188 -12.98 -6.99 11.37
CA SER A 188 -12.97 -7.39 9.98
C SER A 188 -12.96 -8.91 9.87
N ILE A 189 -12.11 -9.57 10.65
CA ILE A 189 -12.04 -11.04 10.67
C ILE A 189 -13.36 -11.63 11.19
N ASN A 190 -13.87 -11.08 12.29
CA ASN A 190 -15.04 -11.64 12.97
C ASN A 190 -16.32 -11.36 12.24
N PHE A 191 -16.50 -10.12 11.79
CA PHE A 191 -17.79 -9.64 11.34
C PHE A 191 -17.78 -9.04 9.94
N ARG A 192 -16.61 -9.00 9.30
CA ARG A 192 -16.45 -8.29 8.03
C ARG A 192 -16.93 -6.83 8.15
N ARG A 193 -16.67 -6.21 9.31
CA ARG A 193 -16.82 -4.75 9.48
C ARG A 193 -15.54 -4.09 8.94
N PHE A 194 -15.70 -3.08 8.06
CA PHE A 194 -14.54 -2.37 7.48
C PHE A 194 -14.81 -0.88 7.58
N THR A 195 -13.95 -0.18 8.31
CA THR A 195 -14.07 1.25 8.50
C THR A 195 -12.64 1.80 8.46
N SER A 196 -12.54 3.12 8.57
CA SER A 196 -11.25 3.78 8.64
C SER A 196 -10.44 3.21 9.81
N ALA A 197 -11.15 2.83 10.87
CA ALA A 197 -10.48 2.24 12.04
C ALA A 197 -9.87 0.92 11.74
N SER A 198 -10.52 0.15 10.88
CA SER A 198 -9.93 -1.10 10.49
C SER A 198 -8.70 -0.84 9.60
N ASP A 199 -8.74 0.21 8.79
CA ASP A 199 -7.57 0.62 7.98
C ASP A 199 -6.41 1.07 8.87
N VAL A 200 -6.72 1.66 10.01
CA VAL A 200 -5.68 2.07 10.96
C VAL A 200 -4.99 0.84 11.56
N TRP A 201 -5.76 -0.19 11.94
CA TRP A 201 -5.18 -1.46 12.41
C TRP A 201 -4.17 -2.00 11.38
N MET A 202 -4.62 -2.09 10.13
CA MET A 202 -3.79 -2.61 9.07
C MET A 202 -2.55 -1.78 8.84
N PHE A 203 -2.65 -0.46 8.97
CA PHE A 203 -1.51 0.38 8.81
C PHE A 203 -0.51 0.14 9.93
N GLY A 204 -0.99 -0.10 11.16
CA GLY A 204 -0.12 -0.47 12.27
C GLY A 204 0.71 -1.69 11.92
N VAL A 205 0.06 -2.64 11.31
CA VAL A 205 0.76 -3.83 10.83
C VAL A 205 1.82 -3.50 9.74
N CYS A 206 1.42 -2.73 8.73
CA CYS A 206 2.34 -2.16 7.72
C CYS A 206 3.60 -1.51 8.33
N MET A 207 3.40 -0.64 9.32
CA MET A 207 4.48 -0.02 10.09
C MET A 207 5.40 -1.08 10.71
N TRP A 208 4.82 -2.09 11.34
CA TRP A 208 5.61 -3.14 11.94
C TRP A 208 6.46 -3.85 10.87
N GLU A 209 5.84 -4.22 9.74
CA GLU A 209 6.56 -4.82 8.63
C GLU A 209 7.75 -3.97 8.15
N ILE A 210 7.56 -2.65 8.06
CA ILE A 210 8.60 -1.77 7.59
C ILE A 210 9.74 -1.82 8.59
N LEU A 211 9.43 -1.69 9.88
CA LEU A 211 10.44 -1.71 10.93
C LEU A 211 11.11 -3.08 11.09
N MET A 212 10.47 -4.13 10.59
CA MET A 212 11.04 -5.48 10.50
C MET A 212 11.77 -5.81 9.18
N HIS A 213 12.05 -4.78 8.37
CA HIS A 213 12.71 -4.93 7.07
C HIS A 213 11.95 -5.86 6.13
N GLY A 214 10.62 -5.81 6.17
CA GLY A 214 9.81 -6.56 5.23
C GLY A 214 9.33 -7.94 5.68
N VAL A 215 9.64 -8.35 6.91
CA VAL A 215 9.11 -9.61 7.44
C VAL A 215 7.57 -9.52 7.53
N LYS A 216 6.87 -10.58 7.16
CA LYS A 216 5.40 -10.61 7.22
C LYS A 216 4.97 -10.91 8.63
N PRO A 217 3.77 -10.42 9.03
CA PRO A 217 3.26 -10.72 10.36
C PRO A 217 2.86 -12.19 10.48
N PHE A 218 3.01 -12.73 11.70
CA PHE A 218 2.46 -14.05 12.03
C PHE A 218 3.01 -15.15 11.12
N GLN A 219 4.29 -15.05 10.81
CA GLN A 219 4.91 -16.03 9.93
C GLN A 219 4.77 -17.43 10.48
N GLY A 220 4.34 -18.36 9.62
CA GLY A 220 4.17 -19.77 10.02
C GLY A 220 2.88 -20.08 10.78
N VAL A 221 2.13 -19.04 11.17
CA VAL A 221 0.88 -19.20 11.92
C VAL A 221 -0.27 -19.45 10.93
N LYS A 222 -1.21 -20.35 11.27
CA LYS A 222 -2.40 -20.57 10.45
C LYS A 222 -3.34 -19.37 10.59
N ASN A 223 -3.91 -18.93 9.48
CA ASN A 223 -4.82 -17.76 9.49
C ASN A 223 -5.88 -17.95 10.57
N ASN A 224 -6.41 -19.18 10.66
CA ASN A 224 -7.38 -19.53 11.70
C ASN A 224 -7.04 -19.22 13.13
N ASP A 225 -5.74 -19.17 13.44
CA ASP A 225 -5.27 -19.04 14.82
C ASP A 225 -4.93 -17.59 15.16
N VAL A 226 -5.02 -16.71 14.17
CA VAL A 226 -4.66 -15.32 14.39
C VAL A 226 -5.65 -14.66 15.34
N ILE A 227 -6.94 -14.81 15.08
CA ILE A 227 -7.93 -14.13 15.90
C ILE A 227 -7.84 -14.59 17.34
N GLY A 228 -7.52 -15.88 17.56
CA GLY A 228 -7.34 -16.39 18.92
C GLY A 228 -6.23 -15.69 19.68
N ARG A 229 -5.09 -15.46 19.03
CA ARG A 229 -3.98 -14.71 19.63
C ARG A 229 -4.33 -13.27 19.96
N ILE A 230 -5.00 -12.58 19.02
CA ILE A 230 -5.39 -11.21 19.27
C ILE A 230 -6.34 -11.15 20.48
N GLU A 231 -7.29 -12.08 20.50
CA GLU A 231 -8.30 -12.10 21.56
C GLU A 231 -7.74 -12.57 22.92
N ASN A 232 -6.55 -13.16 22.90
CA ASN A 232 -5.75 -13.40 24.11
C ASN A 232 -4.82 -12.24 24.48
N GLY A 233 -4.97 -11.09 23.83
CA GLY A 233 -4.17 -9.91 24.13
C GLY A 233 -2.79 -9.86 23.49
N GLU A 234 -2.47 -10.87 22.68
CA GLU A 234 -1.16 -10.95 22.06
C GLU A 234 -1.08 -10.01 20.88
N ARG A 235 0.12 -9.48 20.67
CA ARG A 235 0.39 -8.56 19.57
C ARG A 235 1.75 -8.85 19.01
N LEU A 236 1.98 -8.35 17.80
CA LEU A 236 3.28 -8.46 17.17
C LEU A 236 4.27 -7.73 18.07
N PRO A 237 5.46 -8.30 18.27
CA PRO A 237 6.44 -7.80 19.22
C PRO A 237 7.20 -6.57 18.74
N MET A 238 7.87 -5.87 19.66
CA MET A 238 8.61 -4.69 19.24
C MET A 238 9.77 -5.07 18.32
N PRO A 239 9.83 -4.47 17.12
CA PRO A 239 10.93 -4.86 16.22
C PRO A 239 12.30 -4.44 16.76
N PRO A 240 13.33 -5.26 16.52
CA PRO A 240 14.67 -4.85 16.91
C PRO A 240 15.00 -3.46 16.40
N ASN A 241 15.52 -2.60 17.28
CA ASN A 241 15.96 -1.26 16.92
C ASN A 241 14.81 -0.26 16.72
N CYS A 242 13.55 -0.72 16.82
CA CYS A 242 12.42 0.18 16.73
C CYS A 242 12.36 1.10 17.95
N PRO A 243 12.23 2.42 17.76
CA PRO A 243 12.08 3.29 18.91
C PRO A 243 10.81 2.88 19.68
N PRO A 244 10.90 2.78 21.02
CA PRO A 244 9.73 2.49 21.84
C PRO A 244 8.53 3.41 21.58
N THR A 245 8.76 4.69 21.31
CA THR A 245 7.67 5.63 20.95
C THR A 245 6.89 5.18 19.71
N LEU A 246 7.61 4.68 18.73
CA LEU A 246 6.98 4.17 17.50
C LEU A 246 6.29 2.84 17.75
N TYR A 247 6.88 1.97 18.55
CA TYR A 247 6.16 0.73 18.89
C TYR A 247 4.88 1.05 19.67
N SER A 248 4.94 2.04 20.56
CA SER A 248 3.78 2.47 21.31
C SER A 248 2.66 2.88 20.34
N LEU A 249 3.00 3.66 19.33
CA LEU A 249 2.04 4.07 18.29
C LEU A 249 1.43 2.87 17.55
N MET A 250 2.26 1.90 17.16
CA MET A 250 1.75 0.64 16.57
C MET A 250 0.72 -0.02 17.50
N THR A 251 1.05 -0.11 18.81
CA THR A 251 0.15 -0.80 19.74
C THR A 251 -1.17 -0.07 19.86
N LYS A 252 -1.17 1.25 19.74
CA LYS A 252 -2.43 2.00 19.75
C LYS A 252 -3.30 1.69 18.52
N CYS A 253 -2.66 1.47 17.38
CA CYS A 253 -3.35 1.05 16.14
C CYS A 253 -4.02 -0.30 16.32
N TRP A 254 -3.50 -1.09 17.29
CA TRP A 254 -4.00 -2.43 17.52
C TRP A 254 -4.85 -2.50 18.79
N ALA A 255 -5.46 -1.38 19.19
CA ALA A 255 -6.55 -1.41 20.13
C ALA A 255 -7.65 -2.36 19.63
N TYR A 256 -8.10 -3.28 20.51
CA TYR A 256 -9.19 -4.18 20.13
C TYR A 256 -10.46 -3.42 19.76
N ASP A 257 -10.76 -2.40 20.55
CA ASP A 257 -11.92 -1.53 20.37
C ASP A 257 -11.55 -0.52 19.30
N PRO A 258 -12.19 -0.60 18.12
CA PRO A 258 -11.80 0.30 17.02
C PRO A 258 -11.89 1.78 17.39
N SER A 259 -12.82 2.13 18.29
CA SER A 259 -12.98 3.52 18.77
C SER A 259 -11.77 4.07 19.53
N ARG A 260 -10.91 3.19 20.02
CA ARG A 260 -9.75 3.63 20.79
C ARG A 260 -8.48 3.73 19.94
N ARG A 261 -8.60 3.39 18.65
CA ARG A 261 -7.47 3.57 17.71
C ARG A 261 -7.27 5.04 17.29
N PRO A 262 -6.02 5.43 17.04
CA PRO A 262 -5.79 6.80 16.56
C PRO A 262 -6.35 6.98 15.14
N ARG A 263 -6.61 8.23 14.79
CA ARG A 263 -7.04 8.59 13.44
C ARG A 263 -5.79 8.76 12.60
N PHE A 264 -5.93 8.74 11.27
CA PHE A 264 -4.76 8.96 10.39
C PHE A 264 -4.12 10.34 10.59
N THR A 265 -4.93 11.37 10.86
CA THR A 265 -4.41 12.69 11.21
C THR A 265 -3.42 12.64 12.38
N GLU A 266 -3.81 11.99 13.48
CA GLU A 266 -2.94 11.83 14.64
C GLU A 266 -1.71 11.00 14.29
N LEU A 267 -1.88 9.90 13.56
CA LEU A 267 -0.71 9.12 13.15
C LEU A 267 0.32 9.96 12.40
N LYS A 268 -0.13 10.78 11.46
CA LYS A 268 0.76 11.64 10.68
C LYS A 268 1.52 12.62 11.57
N ALA A 269 0.81 13.26 12.50
CA ALA A 269 1.43 14.21 13.44
C ALA A 269 2.51 13.54 14.28
N GLN A 270 2.13 12.42 14.89
CA GLN A 270 3.00 11.61 15.74
C GLN A 270 4.21 11.02 15.01
N LEU A 271 4.00 10.51 13.80
CA LEU A 271 5.13 10.05 12.99
C LEU A 271 6.14 11.14 12.61
N SER A 272 5.65 12.35 12.35
CA SER A 272 6.53 13.47 12.07
C SER A 272 7.44 13.74 13.27
N THR A 273 6.88 13.71 14.47
CA THR A 273 7.65 13.93 15.72
C THR A 273 8.67 12.81 15.92
N ILE A 274 8.27 11.59 15.64
CA ILE A 274 9.17 10.45 15.80
C ILE A 274 10.36 10.51 14.81
N LEU A 275 10.09 10.94 13.58
CA LEU A 275 11.11 11.00 12.51
C LEU A 275 12.18 12.00 12.88
N GLU A 276 11.73 13.17 13.26
CA GLU A 276 12.63 14.22 13.72
C GLU A 276 13.53 13.72 14.85
N GLU A 277 12.95 12.98 15.80
CA GLU A 277 13.73 12.53 16.96
C GLU A 277 14.82 11.56 16.52
N GLU A 278 14.50 10.68 15.59
CA GLU A 278 15.49 9.72 15.10
C GLU A 278 16.62 10.39 14.32
N LYS A 279 16.27 11.38 13.51
CA LYS A 279 17.25 12.12 12.72
C LYS A 279 18.20 12.90 13.62
N ALA A 280 17.76 13.19 14.85
CA ALA A 280 18.56 13.90 15.87
C ALA A 280 19.46 12.99 16.73
N GLN A 281 19.52 11.69 16.43
CA GLN A 281 20.33 10.75 17.20
C GLN A 281 21.80 10.80 16.80
C1 IPA B . -2.11 -8.57 16.46
C2 IPA B . -1.10 -7.72 15.74
C3 IPA B . -1.75 -6.86 14.67
O2 IPA B . -0.29 -6.95 16.65
C1 1BR C . -0.19 0.78 3.44
N2 1BR C . -1.56 0.32 3.24
C3 1BR C . -2.19 0.44 1.97
C4 1BR C . -1.42 0.21 0.83
C5 1BR C . -2.00 0.39 -0.45
C6 1BR C . -3.34 0.80 -0.57
N7 1BR C . -3.92 0.92 -1.84
C8 1BR C . -5.00 1.91 -2.18
C9 1BR C . -4.80 2.22 -3.67
C10 1BR C . -3.74 3.03 -4.04
C11 1BR C . -3.54 3.34 -5.38
C12 1BR C . -4.36 2.78 -6.37
C13 1BR C . -5.44 1.98 -5.98
C14 1BR C . -5.65 1.66 -4.62
C15 1BR C . -4.08 3.10 -7.83
C16 1BR C . -2.70 2.56 -8.22
C17 1BR C . -5.12 2.46 -8.76
C18 1BR C . -4.12 4.62 -8.07
C19 1BR C . -4.11 1.00 0.57
C20 1BR C . -3.54 0.86 1.86
C21 1BR C . -4.34 1.11 3.09
C22 1BR C . -3.92 0.65 4.33
C23 1BR C . -4.82 1.04 5.30
N24 1BR C . -5.77 1.75 4.72
N25 1BR C . -5.50 1.80 3.34
C26 1BR C . -6.36 2.52 2.41
S27 1BR C . -2.46 -0.27 4.49
O28 1BR C . -2.77 -1.62 4.14
O29 1BR C . -1.78 -0.04 5.72
#